data_9M6P
#
_entry.id   9M6P
#
_cell.length_a   127.927
_cell.length_b   127.927
_cell.length_c   184.655
_cell.angle_alpha   90.000
_cell.angle_beta   90.000
_cell.angle_gamma   120.000
#
_symmetry.space_group_name_H-M   'H 3 2'
#
loop_
_entity.id
_entity.type
_entity.pdbx_description
1 polymer 'Membrane-associated tyrosine- and threonine-specific cdc2-inhibitory kinase'
2 non-polymer 2,4-dimethyl-3-[2-(2-methylpyrimidin-5-yl)-1~{H}-pyrrolo[2,3-b]pyridin-5-yl]phenol
3 non-polymer 'PHOSPHATE ION'
4 non-polymer 'CHLORIDE ION'
5 water water
#
_entity_poly.entity_id   1
_entity_poly.type   'polypeptide(L)'
_entity_poly.pdbx_seq_one_letter_code
;MHHHHHHSSGVDLGTENLYFQSMHQLQPRRVSFRGEASETLQSPGYDPSRPESFFQQSFQRLSRLGHGSYGEVFKVRSKE
DGRLYAVKRSMSPFRGPKDRARKLAEVGSHEKVGQHPCCVRLEQAWEEGGILYLQTELCGPSLQQHCEAWGASLPEAQVW
GYLRDTLLALAHLHSQGLVHLDVKPANIFLGPRGRCKLGDFGLLVELGTAGAGEVQEGDPRYMAPELLQGSYGTAADVFS
LGLTILEVACNMELPHGGEGWQQLRQGYLPPEFTAGLSSELRSVLVMMLEPDPKLRATAEALLALPVLRQP
;
_entity_poly.pdbx_strand_id   AAA,BBB
#
# COMPACT_ATOMS: atom_id res chain seq x y z
N GLN A 27 -9.13 27.60 -6.57
CA GLN A 27 -9.03 27.86 -8.05
C GLN A 27 -7.80 27.18 -8.64
N PRO A 28 -7.78 26.91 -9.97
CA PRO A 28 -6.71 26.11 -10.58
C PRO A 28 -5.35 26.85 -10.60
N ARG A 29 -4.33 26.23 -10.04
CA ARG A 29 -2.96 26.79 -10.04
C ARG A 29 -2.04 25.74 -10.67
N ARG A 30 -1.44 26.06 -11.83
CA ARG A 30 -0.31 25.29 -12.39
C ARG A 30 0.66 24.99 -11.26
N VAL A 31 1.07 23.73 -11.15
CA VAL A 31 2.13 23.25 -10.22
C VAL A 31 3.35 22.87 -11.06
N SER A 32 4.45 23.62 -10.97
CA SER A 32 5.74 23.35 -11.67
C SER A 32 6.90 23.97 -10.88
N PHE A 33 8.04 23.27 -10.84
CA PHE A 33 9.30 23.70 -10.18
C PHE A 33 10.18 24.43 -11.20
N ARG A 34 9.65 24.68 -12.40
CA ARG A 34 10.18 25.63 -13.42
C ARG A 34 9.35 26.92 -13.36
N GLY A 35 9.39 27.61 -12.22
CA GLY A 35 8.51 28.74 -11.87
C GLY A 35 8.36 29.75 -13.00
N GLU A 39 1.19 31.00 -14.56
CA GLU A 39 0.91 29.94 -13.55
C GLU A 39 -0.60 29.81 -13.28
N THR A 40 -1.46 30.59 -13.96
CA THR A 40 -2.93 30.34 -14.11
C THR A 40 -3.11 29.40 -15.31
N LEU A 41 -4.27 28.73 -15.39
CA LEU A 41 -4.61 27.78 -16.49
C LEU A 41 -5.82 28.33 -17.26
N GLN A 42 -5.89 28.01 -18.56
CA GLN A 42 -7.03 28.37 -19.45
C GLN A 42 -7.23 27.23 -20.46
N SER A 43 -8.46 27.10 -20.98
CA SER A 43 -8.83 26.02 -21.93
C SER A 43 -10.23 26.25 -22.48
N PRO A 44 -10.53 25.74 -23.71
CA PRO A 44 -11.90 25.50 -24.16
C PRO A 44 -12.70 24.51 -23.28
N GLY A 45 -14.02 24.68 -23.23
CA GLY A 45 -14.91 23.96 -22.31
C GLY A 45 -14.91 24.57 -20.92
N TYR A 46 -13.92 25.40 -20.58
CA TYR A 46 -13.65 25.91 -19.19
C TYR A 46 -14.11 27.35 -18.98
N ASP A 47 -15.09 27.51 -18.09
CA ASP A 47 -15.66 28.82 -17.65
C ASP A 47 -15.43 28.97 -16.15
N PRO A 48 -14.48 29.83 -15.72
CA PRO A 48 -14.21 30.08 -14.31
C PRO A 48 -15.42 30.30 -13.38
N SER A 49 -16.54 30.83 -13.89
CA SER A 49 -17.72 31.21 -13.08
C SER A 49 -18.59 30.00 -12.75
N ARG A 50 -18.59 28.95 -13.59
CA ARG A 50 -19.37 27.70 -13.36
C ARG A 50 -18.81 26.96 -12.15
N PRO A 51 -19.62 26.15 -11.44
CA PRO A 51 -19.17 25.50 -10.22
C PRO A 51 -18.15 24.39 -10.45
N GLU A 52 -18.38 23.56 -11.48
CA GLU A 52 -17.58 22.33 -11.76
C GLU A 52 -16.10 22.71 -11.81
N SER A 53 -15.19 21.75 -11.56
CA SER A 53 -13.73 22.01 -11.45
C SER A 53 -13.12 22.11 -12.85
N PHE A 54 -11.89 22.59 -12.93
CA PHE A 54 -11.11 22.72 -14.18
C PHE A 54 -11.02 21.34 -14.84
N PHE A 55 -10.63 20.33 -14.06
CA PHE A 55 -10.56 18.92 -14.48
C PHE A 55 -11.91 18.49 -15.05
N GLN A 56 -12.97 18.67 -14.27
CA GLN A 56 -14.38 18.37 -14.63
C GLN A 56 -14.71 19.06 -15.97
N GLN A 57 -14.39 20.35 -16.10
CA GLN A 57 -14.78 21.20 -17.26
C GLN A 57 -13.87 20.97 -18.49
N SER A 58 -12.59 20.65 -18.30
CA SER A 58 -11.56 20.72 -19.38
C SER A 58 -11.29 19.37 -20.04
N PHE A 59 -11.89 18.26 -19.56
CA PHE A 59 -11.65 16.89 -20.08
C PHE A 59 -12.95 16.08 -20.10
N GLN A 60 -13.05 15.13 -21.02
CA GLN A 60 -14.00 13.98 -20.95
C GLN A 60 -13.29 12.84 -20.24
N ARG A 61 -13.98 12.16 -19.30
CA ARG A 61 -13.47 10.97 -18.58
C ARG A 61 -13.95 9.72 -19.32
N LEU A 62 -13.03 8.84 -19.71
CA LEU A 62 -13.31 7.70 -20.62
C LEU A 62 -13.28 6.39 -19.84
N SER A 63 -12.25 6.17 -19.02
CA SER A 63 -12.16 5.00 -18.13
C SER A 63 -11.40 5.37 -16.85
N ARG A 64 -11.45 4.51 -15.84
CA ARG A 64 -10.58 4.59 -14.63
C ARG A 64 -9.49 3.52 -14.78
N LEU A 65 -8.23 3.96 -14.93
CA LEU A 65 -7.06 3.11 -15.23
C LEU A 65 -6.49 2.52 -13.94
N GLY A 66 -6.61 3.25 -12.82
CA GLY A 66 -6.28 2.73 -11.48
C GLY A 66 -7.07 3.42 -10.39
N HIS A 67 -7.00 2.86 -9.17
CA HIS A 67 -7.52 3.47 -7.92
C HIS A 67 -6.87 2.79 -6.71
N GLY A 68 -6.75 3.54 -5.61
CA GLY A 68 -6.15 3.07 -4.34
C GLY A 68 -5.96 4.23 -3.39
N SER A 69 -4.92 4.12 -2.54
CA SER A 69 -4.55 5.09 -1.48
C SER A 69 -4.49 6.49 -2.06
N TYR A 70 -3.86 6.59 -3.23
CA TYR A 70 -3.41 7.84 -3.87
C TYR A 70 -4.61 8.64 -4.41
N GLY A 71 -5.65 7.92 -4.84
CA GLY A 71 -6.82 8.48 -5.55
C GLY A 71 -7.18 7.61 -6.74
N GLU A 72 -7.27 8.23 -7.93
CA GLU A 72 -7.72 7.55 -9.18
C GLU A 72 -6.90 8.07 -10.36
N VAL A 73 -6.69 7.20 -11.36
CA VAL A 73 -6.11 7.53 -12.70
C VAL A 73 -7.21 7.32 -13.74
N PHE A 74 -7.45 8.32 -14.58
CA PHE A 74 -8.55 8.31 -15.58
C PHE A 74 -7.94 8.39 -16.98
N LYS A 75 -8.54 7.69 -17.94
CA LYS A 75 -8.35 7.94 -19.39
C LYS A 75 -9.21 9.15 -19.74
N VAL A 76 -8.59 10.19 -20.29
CA VAL A 76 -9.25 11.50 -20.56
C VAL A 76 -8.95 11.94 -22.00
N ARG A 77 -9.95 12.55 -22.62
CA ARG A 77 -9.76 13.31 -23.87
C ARG A 77 -9.77 14.79 -23.49
N SER A 78 -8.68 15.49 -23.79
CA SER A 78 -8.57 16.96 -23.66
C SER A 78 -9.63 17.62 -24.56
N LYS A 79 -10.46 18.49 -24.02
CA LYS A 79 -11.43 19.29 -24.81
C LYS A 79 -10.66 20.39 -25.54
N GLU A 80 -9.45 20.69 -25.07
CA GLU A 80 -8.48 21.62 -25.70
C GLU A 80 -8.13 21.05 -27.07
N ASP A 81 -7.47 19.89 -27.11
CA ASP A 81 -6.84 19.36 -28.35
C ASP A 81 -7.54 18.09 -28.85
N GLY A 82 -8.45 17.50 -28.08
CA GLY A 82 -9.12 16.24 -28.46
C GLY A 82 -8.17 15.04 -28.44
N ARG A 83 -6.99 15.18 -27.82
CA ARG A 83 -5.96 14.11 -27.71
C ARG A 83 -6.21 13.33 -26.41
N LEU A 84 -5.84 12.04 -26.41
CA LEU A 84 -5.92 11.19 -25.20
C LEU A 84 -4.80 11.55 -24.22
N TYR A 85 -5.09 11.50 -22.93
CA TYR A 85 -4.11 11.57 -21.81
C TYR A 85 -4.60 10.68 -20.67
N ALA A 86 -3.73 10.49 -19.69
CA ALA A 86 -4.07 9.96 -18.36
C ALA A 86 -3.90 11.12 -17.36
N VAL A 87 -4.86 11.31 -16.48
CA VAL A 87 -4.80 12.27 -15.34
C VAL A 87 -4.84 11.49 -14.01
N LYS A 88 -3.94 11.82 -13.08
CA LYS A 88 -3.91 11.28 -11.70
C LYS A 88 -4.49 12.32 -10.72
N ARG A 89 -5.66 12.03 -10.15
CA ARG A 89 -6.35 12.89 -9.15
C ARG A 89 -6.05 12.34 -7.75
N SER A 90 -5.60 13.20 -6.83
CA SER A 90 -5.46 12.89 -5.38
C SER A 90 -6.88 12.77 -4.78
N MET A 91 -7.05 11.97 -3.73
CA MET A 91 -8.40 11.56 -3.26
C MET A 91 -8.99 12.65 -2.37
N SER A 92 -8.23 13.01 -1.34
CA SER A 92 -8.58 14.05 -0.34
C SER A 92 -7.75 15.30 -0.62
N PRO A 93 -8.23 16.48 -0.19
CA PRO A 93 -7.39 17.68 -0.13
C PRO A 93 -6.11 17.38 0.63
N PHE A 94 -5.10 18.24 0.48
CA PHE A 94 -3.83 18.14 1.23
C PHE A 94 -4.19 18.05 2.72
N ARG A 95 -3.70 16.99 3.38
CA ARG A 95 -3.95 16.69 4.80
C ARG A 95 -3.04 17.54 5.69
N GLY A 96 -2.11 18.30 5.11
CA GLY A 96 -1.08 19.07 5.81
C GLY A 96 0.20 19.17 4.99
N PRO A 97 1.27 19.77 5.55
CA PRO A 97 2.53 19.96 4.82
C PRO A 97 3.22 18.66 4.37
N LYS A 98 3.24 17.63 5.22
CA LYS A 98 3.91 16.35 4.88
C LYS A 98 3.16 15.70 3.70
N ASP A 99 1.83 15.77 3.69
CA ASP A 99 0.97 15.28 2.58
C ASP A 99 1.24 16.15 1.34
N ARG A 100 1.17 17.46 1.48
CA ARG A 100 1.37 18.41 0.36
C ARG A 100 2.78 18.24 -0.22
N ALA A 101 3.81 18.32 0.63
CA ALA A 101 5.23 18.21 0.24
C ALA A 101 5.43 16.91 -0.52
N ARG A 102 5.03 15.78 0.09
CA ARG A 102 5.17 14.41 -0.49
C ARG A 102 4.53 14.35 -1.88
N LYS A 103 3.31 14.88 -1.99
CA LYS A 103 2.50 14.89 -3.24
C LYS A 103 3.27 15.70 -4.31
N LEU A 104 3.71 16.90 -3.95
CA LEU A 104 4.35 17.89 -4.87
C LEU A 104 5.76 17.45 -5.26
N ALA A 105 6.44 16.68 -4.40
CA ALA A 105 7.77 16.10 -4.70
C ALA A 105 7.69 15.39 -6.04
N GLU A 106 6.62 14.60 -6.25
CA GLU A 106 6.42 13.73 -7.45
C GLU A 106 6.48 14.59 -8.72
N VAL A 107 5.93 15.80 -8.70
CA VAL A 107 5.96 16.71 -9.88
C VAL A 107 7.41 17.16 -10.11
N GLY A 108 8.02 17.77 -9.07
CA GLY A 108 9.44 18.16 -9.04
C GLY A 108 10.26 17.08 -9.68
N SER A 109 10.15 15.86 -9.16
CA SER A 109 10.82 14.65 -9.71
C SER A 109 10.54 14.57 -11.21
N HIS A 110 9.28 14.32 -11.59
CA HIS A 110 8.86 14.04 -12.99
C HIS A 110 9.49 15.07 -13.94
N GLU A 111 9.45 16.35 -13.55
CA GLU A 111 10.01 17.47 -14.35
C GLU A 111 11.51 17.24 -14.55
N LYS A 112 12.26 17.03 -13.46
CA LYS A 112 13.72 16.80 -13.46
C LYS A 112 14.11 15.67 -14.42
N VAL A 113 13.22 14.69 -14.61
CA VAL A 113 13.43 13.56 -15.57
C VAL A 113 13.49 14.10 -16.99
N GLY A 114 12.53 14.98 -17.32
CA GLY A 114 12.38 15.59 -18.66
C GLY A 114 11.76 14.64 -19.64
N GLN A 115 11.88 14.94 -20.93
CA GLN A 115 11.29 14.14 -22.04
C GLN A 115 12.29 13.05 -22.41
N HIS A 116 11.85 11.80 -22.36
CA HIS A 116 12.58 10.62 -22.88
C HIS A 116 11.54 9.64 -23.40
N PRO A 117 11.80 8.97 -24.55
CA PRO A 117 10.83 8.03 -25.09
C PRO A 117 10.58 6.77 -24.25
N CYS A 118 11.39 6.50 -23.21
CA CYS A 118 11.28 5.32 -22.31
C CYS A 118 10.92 5.75 -20.88
N CYS A 119 10.50 7.01 -20.71
CA CYS A 119 10.08 7.63 -19.43
C CYS A 119 8.74 8.34 -19.62
N VAL A 120 7.79 8.08 -18.73
CA VAL A 120 6.41 8.60 -18.83
C VAL A 120 6.48 10.13 -18.77
N ARG A 121 5.75 10.79 -19.68
CA ARG A 121 5.83 12.23 -19.96
C ARG A 121 4.68 12.94 -19.23
N LEU A 122 5.03 13.90 -18.37
CA LEU A 122 4.08 14.85 -17.73
C LEU A 122 3.79 16.02 -18.68
N GLU A 123 2.55 16.15 -19.18
CA GLU A 123 2.14 17.38 -19.94
C GLU A 123 2.19 18.55 -18.94
N GLN A 124 1.44 18.45 -17.85
CA GLN A 124 1.30 19.54 -16.84
C GLN A 124 0.67 18.99 -15.57
N ALA A 125 0.84 19.72 -14.46
CA ALA A 125 0.20 19.43 -13.16
C ALA A 125 -0.49 20.70 -12.65
N TRP A 126 -1.51 20.53 -11.81
CA TRP A 126 -2.16 21.64 -11.08
C TRP A 126 -2.87 21.11 -9.84
N GLU A 127 -3.23 22.03 -8.95
CA GLU A 127 -4.12 21.78 -7.78
C GLU A 127 -5.39 22.61 -7.93
N GLU A 128 -6.50 22.14 -7.39
CA GLU A 128 -7.77 22.92 -7.26
C GLU A 128 -8.59 22.35 -6.10
N GLY A 129 -8.78 23.16 -5.05
CA GLY A 129 -9.35 22.72 -3.76
C GLY A 129 -8.45 21.69 -3.09
N GLY A 130 -7.14 21.96 -3.00
CA GLY A 130 -6.16 21.09 -2.35
C GLY A 130 -6.06 19.72 -3.01
N ILE A 131 -6.74 19.52 -4.14
CA ILE A 131 -6.64 18.26 -4.92
C ILE A 131 -5.51 18.44 -5.93
N LEU A 132 -4.66 17.43 -6.07
CA LEU A 132 -3.53 17.46 -7.03
C LEU A 132 -3.82 16.55 -8.22
N TYR A 133 -3.66 17.10 -9.42
CA TYR A 133 -3.81 16.41 -10.72
C TYR A 133 -2.47 16.41 -11.46
N LEU A 134 -2.00 15.25 -11.92
CA LEU A 134 -0.85 15.12 -12.88
C LEU A 134 -1.40 14.67 -14.24
N GLN A 135 -1.14 15.47 -15.29
CA GLN A 135 -1.49 15.13 -16.69
C GLN A 135 -0.26 14.57 -17.39
N THR A 136 -0.31 13.29 -17.76
CA THR A 136 0.78 12.60 -18.49
C THR A 136 0.29 12.12 -19.85
N GLU A 137 1.24 11.66 -20.67
CA GLU A 137 0.91 10.84 -21.85
C GLU A 137 0.13 9.62 -21.35
N LEU A 138 -0.92 9.26 -22.06
CA LEU A 138 -1.66 7.99 -21.85
C LEU A 138 -0.69 6.85 -22.14
N CYS A 139 -0.41 6.01 -21.15
CA CYS A 139 0.34 4.74 -21.31
C CYS A 139 -0.65 3.58 -21.30
N GLY A 140 -0.30 2.47 -21.98
CA GLY A 140 -1.02 1.19 -21.87
C GLY A 140 -0.83 0.56 -20.49
N PRO A 141 -1.08 -0.76 -20.34
CA PRO A 141 -0.99 -1.39 -19.02
C PRO A 141 0.46 -1.43 -18.48
N SER A 142 0.60 -1.66 -17.18
CA SER A 142 1.89 -1.94 -16.51
C SER A 142 2.40 -3.29 -16.99
N LEU A 143 3.72 -3.54 -16.92
CA LEU A 143 4.32 -4.86 -17.22
C LEU A 143 3.68 -5.94 -16.34
N GLN A 144 3.40 -5.60 -15.09
CA GLN A 144 2.79 -6.54 -14.12
C GLN A 144 1.45 -7.02 -14.70
N GLN A 145 0.58 -6.06 -15.06
CA GLN A 145 -0.74 -6.33 -15.69
C GLN A 145 -0.55 -7.21 -16.93
N HIS A 146 0.33 -6.78 -17.81
CA HIS A 146 0.55 -7.34 -19.18
C HIS A 146 1.05 -8.77 -19.05
N CYS A 147 2.12 -8.96 -18.27
CA CYS A 147 2.79 -10.26 -18.12
C CYS A 147 1.85 -11.21 -17.38
N GLU A 148 1.07 -10.69 -16.44
CA GLU A 148 0.01 -11.45 -15.73
C GLU A 148 -0.97 -12.00 -16.76
N ALA A 149 -1.42 -11.16 -17.70
CA ALA A 149 -2.46 -11.45 -18.71
C ALA A 149 -1.95 -12.51 -19.68
N TRP A 150 -0.69 -12.40 -20.08
CA TRP A 150 0.13 -13.49 -20.68
C TRP A 150 0.15 -14.68 -19.72
N GLY A 151 0.57 -15.85 -20.18
CA GLY A 151 0.93 -16.97 -19.30
C GLY A 151 2.40 -16.89 -18.91
N ALA A 152 3.08 -18.04 -18.87
CA ALA A 152 4.56 -18.16 -18.86
C ALA A 152 5.06 -18.34 -20.29
N SER A 153 4.13 -18.36 -21.26
CA SER A 153 4.38 -18.46 -22.72
C SER A 153 4.87 -17.11 -23.28
N LEU A 154 5.05 -16.11 -22.40
CA LEU A 154 5.61 -14.76 -22.71
C LEU A 154 6.88 -14.91 -23.53
N PRO A 155 6.87 -14.53 -24.83
CA PRO A 155 8.07 -14.62 -25.66
C PRO A 155 9.27 -13.96 -24.98
N GLU A 156 10.40 -14.68 -24.90
CA GLU A 156 11.67 -14.11 -24.42
C GLU A 156 12.01 -12.86 -25.27
N ALA A 157 11.53 -12.80 -26.51
CA ALA A 157 11.68 -11.63 -27.41
C ALA A 157 11.15 -10.39 -26.69
N GLN A 158 9.85 -10.37 -26.39
CA GLN A 158 9.13 -9.30 -25.64
C GLN A 158 10.03 -8.84 -24.49
N VAL A 159 10.51 -9.79 -23.69
CA VAL A 159 11.36 -9.50 -22.50
C VAL A 159 12.50 -8.59 -22.94
N TRP A 160 13.37 -9.08 -23.82
CA TRP A 160 14.57 -8.33 -24.28
C TRP A 160 14.17 -6.88 -24.57
N GLY A 161 13.05 -6.67 -25.28
CA GLY A 161 12.55 -5.35 -25.68
C GLY A 161 12.35 -4.47 -24.46
N TYR A 162 11.60 -4.98 -23.48
CA TYR A 162 11.33 -4.34 -22.18
C TYR A 162 12.64 -4.06 -21.45
N LEU A 163 13.60 -5.00 -21.52
CA LEU A 163 14.91 -4.86 -20.84
C LEU A 163 15.65 -3.65 -21.42
N ARG A 164 15.99 -3.70 -22.70
CA ARG A 164 16.66 -2.59 -23.42
C ARG A 164 15.89 -1.30 -23.12
N ASP A 165 14.57 -1.32 -23.34
CA ASP A 165 13.68 -0.14 -23.24
C ASP A 165 13.86 0.51 -21.86
N THR A 166 14.05 -0.29 -20.81
CA THR A 166 14.06 0.22 -19.42
C THR A 166 15.47 0.68 -19.06
N LEU A 167 16.48 -0.10 -19.45
CA LEU A 167 17.91 0.31 -19.37
C LEU A 167 18.08 1.71 -19.97
N LEU A 168 17.46 1.96 -21.12
CA LEU A 168 17.49 3.30 -21.76
C LEU A 168 16.94 4.33 -20.77
N ALA A 169 15.80 4.02 -20.15
CA ALA A 169 15.15 4.89 -19.15
C ALA A 169 16.14 5.09 -18.01
N LEU A 170 16.74 4.01 -17.54
CA LEU A 170 17.73 4.06 -16.43
C LEU A 170 18.91 4.92 -16.89
N ALA A 171 19.56 4.53 -17.99
CA ALA A 171 20.75 5.20 -18.57
C ALA A 171 20.53 6.72 -18.56
N HIS A 172 19.35 7.16 -19.01
CA HIS A 172 18.94 8.58 -19.07
C HIS A 172 18.93 9.22 -17.68
N LEU A 173 18.32 8.55 -16.69
CA LEU A 173 18.14 9.07 -15.31
C LEU A 173 19.51 9.16 -14.60
N HIS A 174 20.27 8.05 -14.65
CA HIS A 174 21.57 7.86 -13.95
C HIS A 174 22.60 8.88 -14.43
N SER A 175 22.62 9.17 -15.74
CA SER A 175 23.48 10.19 -16.39
C SER A 175 23.15 11.59 -15.87
N GLN A 176 21.93 11.82 -15.37
CA GLN A 176 21.46 13.12 -14.85
C GLN A 176 21.65 13.20 -13.33
N GLY A 177 22.14 12.11 -12.72
CA GLY A 177 22.40 11.99 -11.27
C GLY A 177 21.14 11.64 -10.49
N LEU A 178 20.26 10.84 -11.08
CA LEU A 178 18.93 10.49 -10.49
C LEU A 178 18.85 8.97 -10.27
N VAL A 179 18.32 8.56 -9.11
CA VAL A 179 17.98 7.14 -8.79
C VAL A 179 16.46 7.06 -8.55
N HIS A 180 15.78 6.16 -9.27
CA HIS A 180 14.30 6.01 -9.28
C HIS A 180 13.80 5.40 -7.96
N LEU A 181 14.43 4.29 -7.56
CA LEU A 181 14.31 3.62 -6.23
C LEU A 181 13.08 2.70 -6.16
N ASP A 182 12.26 2.66 -7.20
CA ASP A 182 11.00 1.86 -7.23
C ASP A 182 10.83 1.28 -8.63
N VAL A 183 11.85 0.56 -9.11
CA VAL A 183 11.89 -0.02 -10.48
C VAL A 183 11.28 -1.42 -10.45
N LYS A 184 10.01 -1.54 -10.87
CA LYS A 184 9.21 -2.79 -10.80
C LYS A 184 8.14 -2.81 -11.89
N PRO A 185 7.59 -3.99 -12.23
CA PRO A 185 6.58 -4.12 -13.28
C PRO A 185 5.30 -3.28 -13.11
N ALA A 186 4.93 -2.97 -11.87
CA ALA A 186 3.78 -2.09 -11.53
C ALA A 186 4.04 -0.67 -12.03
N ASN A 187 5.30 -0.23 -11.98
CA ASN A 187 5.72 1.18 -12.25
C ASN A 187 6.30 1.32 -13.67
N ILE A 188 6.09 0.32 -14.55
CA ILE A 188 6.53 0.33 -15.96
C ILE A 188 5.35 0.00 -16.86
N PHE A 189 5.03 0.91 -17.78
CA PHE A 189 3.81 0.91 -18.62
C PHE A 189 4.22 0.72 -20.08
N LEU A 190 3.35 0.11 -20.88
CA LEU A 190 3.55 0.00 -22.35
C LEU A 190 3.10 1.32 -22.99
N GLY A 191 3.89 1.83 -23.93
CA GLY A 191 3.47 2.91 -24.83
C GLY A 191 2.73 2.34 -26.03
N PRO A 192 2.08 3.18 -26.87
CA PRO A 192 1.66 2.74 -28.20
C PRO A 192 2.89 2.15 -28.91
N ARG A 193 2.72 1.08 -29.70
CA ARG A 193 3.84 0.35 -30.36
C ARG A 193 4.70 -0.35 -29.30
N GLY A 194 4.15 -0.62 -28.11
CA GLY A 194 4.72 -1.58 -27.14
C GLY A 194 5.90 -1.00 -26.37
N ARG A 195 6.73 -0.14 -26.99
CA ARG A 195 7.85 0.53 -26.26
C ARG A 195 7.41 0.74 -24.81
N CYS A 196 8.10 0.14 -23.85
CA CYS A 196 7.76 0.23 -22.41
C CYS A 196 8.48 1.43 -21.78
N LYS A 197 7.74 2.24 -21.01
CA LYS A 197 8.21 3.49 -20.35
C LYS A 197 8.14 3.38 -18.83
N LEU A 198 9.07 4.04 -18.13
CA LEU A 198 9.18 4.00 -16.65
C LEU A 198 8.40 5.15 -16.02
N GLY A 199 7.62 4.88 -14.96
CA GLY A 199 6.72 5.86 -14.33
C GLY A 199 6.81 5.84 -12.81
N ASP A 200 5.87 6.52 -12.14
CA ASP A 200 5.81 6.69 -10.66
C ASP A 200 7.20 7.15 -10.16
N PHE A 201 7.50 8.43 -10.33
CA PHE A 201 8.77 9.08 -9.89
C PHE A 201 8.58 9.73 -8.52
N GLY A 202 7.60 9.28 -7.74
CA GLY A 202 7.37 9.79 -6.36
C GLY A 202 8.54 9.47 -5.45
N LEU A 203 9.26 8.37 -5.68
CA LEU A 203 10.39 7.93 -4.82
C LEU A 203 11.73 8.25 -5.47
N LEU A 204 11.72 8.89 -6.63
CA LEU A 204 12.97 9.31 -7.32
C LEU A 204 13.68 10.34 -6.46
N VAL A 205 15.00 10.20 -6.30
CA VAL A 205 15.89 11.15 -5.57
C VAL A 205 17.02 11.62 -6.50
N GLU A 206 17.39 12.90 -6.37
CA GLU A 206 18.60 13.49 -6.99
C GLU A 206 19.80 13.29 -6.07
N LEU A 207 20.67 12.32 -6.38
CA LEU A 207 21.93 12.05 -5.65
C LEU A 207 22.55 13.37 -5.14
N GLY A 208 22.83 13.45 -3.84
CA GLY A 208 23.30 14.66 -3.14
C GLY A 208 22.20 15.27 -2.29
N THR A 209 21.22 15.91 -2.93
CA THR A 209 20.14 16.77 -2.34
C THR A 209 19.78 16.28 -0.94
N GLU A 217 9.72 4.38 1.74
CA GLU A 217 10.89 3.91 0.95
C GLU A 217 10.45 2.91 -0.12
N GLY A 218 11.37 2.49 -0.98
CA GLY A 218 11.13 1.61 -2.14
C GLY A 218 10.58 0.24 -1.76
N ASP A 219 10.15 -0.54 -2.76
CA ASP A 219 9.52 -1.87 -2.57
C ASP A 219 10.55 -2.87 -2.04
N PRO A 220 10.33 -3.49 -0.86
CA PRO A 220 11.22 -4.54 -0.36
C PRO A 220 11.44 -5.72 -1.33
N ARG A 221 10.42 -6.05 -2.12
CA ARG A 221 10.47 -7.17 -3.11
C ARG A 221 11.63 -6.95 -4.10
N TYR A 222 11.79 -5.73 -4.60
CA TYR A 222 12.76 -5.38 -5.68
C TYR A 222 13.94 -4.61 -5.10
N MET A 223 14.03 -4.58 -3.77
CA MET A 223 15.06 -3.83 -3.01
C MET A 223 16.44 -4.42 -3.29
N ALA A 224 17.43 -3.56 -3.56
CA ALA A 224 18.87 -3.91 -3.65
C ALA A 224 19.42 -4.06 -2.24
N PRO A 225 20.41 -4.95 -2.03
CA PRO A 225 20.88 -5.29 -0.69
C PRO A 225 21.79 -4.23 -0.03
N GLU A 226 22.56 -3.49 -0.82
CA GLU A 226 23.42 -2.40 -0.30
C GLU A 226 22.55 -1.47 0.55
N LEU A 227 21.29 -1.27 0.16
CA LEU A 227 20.29 -0.40 0.83
C LEU A 227 20.14 -0.78 2.31
N LEU A 228 20.14 -2.09 2.61
CA LEU A 228 20.07 -2.64 3.99
C LEU A 228 21.28 -2.18 4.81
N GLN A 229 22.35 -1.73 4.15
CA GLN A 229 23.63 -1.29 4.80
C GLN A 229 23.74 0.24 4.75
N GLY A 230 22.62 0.94 4.57
CA GLY A 230 22.55 2.42 4.58
C GLY A 230 23.19 3.05 3.35
N SER A 231 23.70 2.24 2.40
CA SER A 231 24.42 2.70 1.19
C SER A 231 23.53 2.53 -0.05
N TYR A 232 23.44 3.55 -0.92
CA TYR A 232 22.71 3.50 -2.20
C TYR A 232 23.41 4.30 -3.29
N GLY A 233 23.07 3.98 -4.55
CA GLY A 233 23.54 4.68 -5.74
C GLY A 233 22.64 4.35 -6.91
N THR A 234 23.11 4.58 -8.14
CA THR A 234 22.37 4.26 -9.39
C THR A 234 22.28 2.73 -9.52
N ALA A 235 23.25 1.99 -8.97
CA ALA A 235 23.33 0.51 -9.01
C ALA A 235 21.99 -0.09 -8.54
N ALA A 236 21.46 0.42 -7.43
CA ALA A 236 20.19 -0.01 -6.81
C ALA A 236 19.19 -0.36 -7.92
N ASP A 237 18.87 0.65 -8.74
CA ASP A 237 17.87 0.56 -9.84
C ASP A 237 18.19 -0.60 -10.78
N VAL A 238 19.47 -0.89 -11.01
CA VAL A 238 19.90 -1.94 -11.96
C VAL A 238 19.50 -3.29 -11.36
N PHE A 239 19.78 -3.50 -10.08
CA PHE A 239 19.40 -4.72 -9.31
C PHE A 239 17.88 -4.92 -9.42
N SER A 240 17.11 -3.90 -9.02
CA SER A 240 15.62 -3.88 -9.06
C SER A 240 15.16 -4.30 -10.46
N LEU A 241 15.76 -3.72 -11.50
CA LEU A 241 15.40 -4.05 -12.89
C LEU A 241 15.77 -5.50 -13.17
N GLY A 242 16.94 -5.95 -12.71
CA GLY A 242 17.33 -7.37 -12.78
C GLY A 242 16.20 -8.28 -12.32
N LEU A 243 15.50 -7.87 -11.26
CA LEU A 243 14.43 -8.64 -10.57
C LEU A 243 13.10 -8.40 -11.26
N THR A 244 12.81 -7.15 -11.60
CA THR A 244 11.66 -6.76 -12.47
C THR A 244 11.59 -7.75 -13.64
N ILE A 245 12.74 -7.97 -14.29
CA ILE A 245 12.89 -8.79 -15.52
C ILE A 245 12.82 -10.27 -15.18
N LEU A 246 13.57 -10.72 -14.17
CA LEU A 246 13.56 -12.13 -13.74
C LEU A 246 12.10 -12.56 -13.54
N GLU A 247 11.31 -11.71 -12.88
CA GLU A 247 9.90 -11.99 -12.47
C GLU A 247 9.03 -12.26 -13.70
N VAL A 248 9.02 -11.31 -14.63
CA VAL A 248 8.14 -11.38 -15.84
C VAL A 248 8.65 -12.48 -16.78
N ALA A 249 9.97 -12.63 -16.93
CA ALA A 249 10.62 -13.70 -17.74
C ALA A 249 10.16 -15.07 -17.26
N CYS A 250 10.15 -15.29 -15.95
CA CYS A 250 9.83 -16.59 -15.29
C CYS A 250 8.34 -16.73 -15.05
N ASN A 251 7.60 -15.63 -15.09
CA ASN A 251 6.16 -15.61 -14.72
C ASN A 251 6.05 -16.32 -13.36
N MET A 252 6.95 -15.96 -12.44
CA MET A 252 7.00 -16.47 -11.04
C MET A 252 6.99 -15.25 -10.12
N GLU A 253 6.07 -15.22 -9.15
CA GLU A 253 6.03 -14.15 -8.11
C GLU A 253 7.31 -14.28 -7.28
N LEU A 254 7.95 -13.16 -6.98
CA LEU A 254 9.26 -13.08 -6.26
C LEU A 254 9.04 -13.29 -4.78
N PRO A 255 9.99 -13.94 -4.07
CA PRO A 255 9.82 -14.28 -2.67
C PRO A 255 9.52 -13.03 -1.82
N HIS A 256 8.57 -13.18 -0.88
CA HIS A 256 8.07 -12.10 0.01
C HIS A 256 8.79 -12.14 1.38
N GLY A 257 9.81 -13.01 1.51
CA GLY A 257 10.58 -13.21 2.75
C GLY A 257 11.33 -14.54 2.71
N GLY A 258 11.75 -15.01 3.89
CA GLY A 258 12.40 -16.32 4.09
C GLY A 258 13.76 -16.39 3.42
N GLU A 259 14.26 -17.61 3.20
CA GLU A 259 15.57 -17.88 2.57
C GLU A 259 15.52 -17.45 1.10
N GLY A 260 14.43 -17.79 0.41
CA GLY A 260 14.20 -17.35 -0.98
C GLY A 260 14.66 -15.91 -1.20
N TRP A 261 14.17 -14.98 -0.38
CA TRP A 261 14.39 -13.51 -0.49
C TRP A 261 15.88 -13.16 -0.29
N GLN A 262 16.53 -13.71 0.75
CA GLN A 262 17.98 -13.48 1.07
C GLN A 262 18.85 -13.94 -0.11
N GLN A 263 18.67 -15.18 -0.57
CA GLN A 263 19.50 -15.84 -1.62
C GLN A 263 19.80 -14.87 -2.76
N LEU A 264 18.77 -14.23 -3.29
CA LEU A 264 18.86 -13.37 -4.49
C LEU A 264 19.85 -12.24 -4.19
N ARG A 265 19.88 -11.77 -2.94
CA ARG A 265 20.67 -10.59 -2.51
C ARG A 265 22.07 -11.05 -2.06
N GLN A 266 22.31 -12.35 -2.15
CA GLN A 266 23.64 -13.00 -2.03
C GLN A 266 24.00 -13.58 -3.41
N GLY A 267 23.39 -13.03 -4.47
CA GLY A 267 23.62 -13.43 -5.86
C GLY A 267 23.52 -14.94 -6.04
N TYR A 268 22.40 -15.55 -5.64
CA TYR A 268 22.10 -16.97 -5.93
C TYR A 268 20.83 -17.07 -6.76
N LEU A 269 20.93 -17.62 -7.97
CA LEU A 269 19.76 -17.91 -8.85
C LEU A 269 19.24 -19.30 -8.53
N PRO A 270 17.97 -19.40 -8.08
CA PRO A 270 17.29 -20.70 -7.93
C PRO A 270 17.04 -21.33 -9.30
N PRO A 271 17.41 -22.62 -9.50
CA PRO A 271 17.12 -23.32 -10.76
C PRO A 271 15.62 -23.32 -11.10
N GLU A 272 14.77 -23.22 -10.07
CA GLU A 272 13.30 -23.05 -10.19
C GLU A 272 13.01 -21.80 -11.02
N PHE A 273 13.89 -20.79 -10.94
CA PHE A 273 13.68 -19.45 -11.54
C PHE A 273 14.55 -19.27 -12.80
N THR A 274 15.34 -20.24 -13.23
CA THR A 274 16.28 -20.02 -14.36
C THR A 274 15.98 -20.99 -15.51
N ALA A 275 14.92 -21.78 -15.43
CA ALA A 275 14.51 -22.74 -16.49
C ALA A 275 13.64 -22.00 -17.52
N GLY A 276 13.76 -22.38 -18.80
CA GLY A 276 13.00 -21.78 -19.91
C GLY A 276 13.58 -20.47 -20.40
N LEU A 277 14.73 -20.07 -19.85
CA LEU A 277 15.43 -18.79 -20.15
C LEU A 277 16.75 -19.08 -20.87
N SER A 278 17.08 -18.28 -21.89
CA SER A 278 18.32 -18.39 -22.69
C SER A 278 19.54 -18.16 -21.80
N SER A 279 20.56 -19.02 -21.90
CA SER A 279 21.87 -18.85 -21.23
C SER A 279 22.27 -17.37 -21.33
N GLU A 280 21.94 -16.76 -22.47
CA GLU A 280 22.18 -15.31 -22.73
C GLU A 280 21.45 -14.51 -21.68
N LEU A 281 20.11 -14.58 -21.66
CA LEU A 281 19.30 -13.77 -20.72
C LEU A 281 19.78 -14.00 -19.30
N ARG A 282 19.91 -15.27 -18.89
CA ARG A 282 20.33 -15.67 -17.52
C ARG A 282 21.61 -14.94 -17.14
N SER A 283 22.66 -15.07 -17.98
CA SER A 283 24.00 -14.49 -17.72
C SER A 283 23.87 -13.00 -17.43
N VAL A 284 23.06 -12.30 -18.25
CA VAL A 284 22.80 -10.84 -18.13
C VAL A 284 22.27 -10.56 -16.72
N LEU A 285 21.22 -11.28 -16.33
CA LEU A 285 20.54 -11.08 -15.04
C LEU A 285 21.54 -11.30 -13.90
N VAL A 286 22.43 -12.30 -14.02
CA VAL A 286 23.53 -12.56 -13.04
C VAL A 286 24.30 -11.25 -12.82
N MET A 287 24.61 -10.55 -13.91
CA MET A 287 25.44 -9.32 -13.90
C MET A 287 24.64 -8.15 -13.33
N MET A 288 23.33 -8.20 -13.44
CA MET A 288 22.40 -7.15 -12.91
C MET A 288 22.16 -7.39 -11.42
N LEU A 289 22.29 -8.63 -10.96
CA LEU A 289 21.95 -9.04 -9.58
C LEU A 289 23.21 -9.33 -8.75
N GLU A 290 24.40 -9.02 -9.29
CA GLU A 290 25.69 -9.02 -8.55
C GLU A 290 25.46 -8.33 -7.21
N PRO A 291 25.57 -9.05 -6.07
CA PRO A 291 25.30 -8.46 -4.75
C PRO A 291 26.15 -7.23 -4.40
N ASP A 292 27.39 -7.16 -4.89
CA ASP A 292 28.31 -6.02 -4.63
C ASP A 292 27.94 -4.89 -5.60
N PRO A 293 27.42 -3.74 -5.11
CA PRO A 293 27.10 -2.60 -5.99
C PRO A 293 28.32 -2.21 -6.84
N LYS A 294 29.47 -2.05 -6.18
CA LYS A 294 30.74 -1.61 -6.80
C LYS A 294 31.14 -2.58 -7.93
N LEU A 295 30.57 -3.79 -7.97
CA LEU A 295 30.87 -4.81 -9.00
C LEU A 295 29.71 -4.95 -10.01
N ARG A 296 28.58 -4.30 -9.75
CA ARG A 296 27.34 -4.49 -10.56
C ARG A 296 27.41 -3.63 -11.83
N ALA A 297 27.11 -4.22 -12.99
CA ALA A 297 27.14 -3.55 -14.31
C ALA A 297 26.33 -2.25 -14.29
N THR A 298 26.58 -1.35 -15.26
CA THR A 298 25.83 -0.08 -15.44
C THR A 298 24.84 -0.28 -16.60
N ALA A 299 23.84 0.60 -16.71
CA ALA A 299 22.85 0.62 -17.82
C ALA A 299 23.59 0.79 -19.15
N GLU A 300 24.43 1.83 -19.24
CA GLU A 300 25.29 2.13 -20.41
C GLU A 300 26.12 0.88 -20.74
N ALA A 301 26.81 0.32 -19.74
CA ALA A 301 27.65 -0.89 -19.89
C ALA A 301 26.82 -2.01 -20.50
N LEU A 302 25.61 -2.25 -19.96
CA LEU A 302 24.72 -3.33 -20.42
C LEU A 302 24.23 -3.03 -21.84
N LEU A 303 23.82 -1.80 -22.10
CA LEU A 303 23.31 -1.39 -23.43
C LEU A 303 24.42 -1.46 -24.50
N ALA A 304 25.68 -1.68 -24.08
CA ALA A 304 26.86 -1.83 -24.97
C ALA A 304 26.95 -3.26 -25.52
N LEU A 305 26.25 -4.23 -24.94
CA LEU A 305 26.40 -5.67 -25.27
C LEU A 305 25.65 -5.99 -26.57
N PRO A 306 26.16 -6.97 -27.37
CA PRO A 306 25.62 -7.24 -28.70
C PRO A 306 24.11 -7.53 -28.69
N VAL A 307 23.69 -8.42 -27.78
CA VAL A 307 22.27 -8.83 -27.60
C VAL A 307 21.39 -7.60 -27.31
N LEU A 308 21.96 -6.50 -26.79
CA LEU A 308 21.22 -5.28 -26.36
C LEU A 308 21.54 -4.08 -27.25
N ARG A 309 21.53 -4.26 -28.58
CA ARG A 309 21.59 -3.14 -29.57
C ARG A 309 20.60 -3.45 -30.70
N GLN A 310 19.90 -2.41 -31.19
CA GLN A 310 18.70 -2.49 -32.07
C GLN A 310 17.46 -2.70 -31.20
N GLN B 27 20.04 -14.09 17.05
CA GLN B 27 19.18 -15.24 17.47
C GLN B 27 17.97 -14.70 18.24
N PRO B 28 16.88 -15.50 18.39
CA PRO B 28 15.56 -14.97 18.72
C PRO B 28 15.47 -14.11 20.00
N ARG B 29 15.29 -12.81 19.81
CA ARG B 29 15.07 -11.81 20.89
C ARG B 29 13.58 -11.50 20.95
N ARG B 30 12.94 -11.72 22.10
CA ARG B 30 11.51 -11.34 22.31
C ARG B 30 11.40 -9.82 22.17
N VAL B 31 10.37 -9.35 21.51
CA VAL B 31 10.02 -7.92 21.36
C VAL B 31 8.78 -7.67 22.21
N SER B 32 8.91 -6.95 23.33
CA SER B 32 7.80 -6.55 24.23
C SER B 32 8.16 -5.27 24.96
N PHE B 33 7.19 -4.38 25.21
CA PHE B 33 7.37 -3.11 25.97
C PHE B 33 6.74 -3.23 27.36
N ARG B 34 6.25 -4.43 27.68
CA ARG B 34 6.00 -4.93 29.06
C ARG B 34 7.17 -5.86 29.43
N GLY B 35 8.40 -5.49 29.07
CA GLY B 35 9.57 -6.39 28.92
C GLY B 35 9.90 -7.24 30.15
N GLU B 36 10.87 -8.17 30.00
CA GLU B 36 11.32 -9.12 31.07
C GLU B 36 12.78 -9.51 30.79
N ALA B 37 13.50 -10.01 31.81
CA ALA B 37 14.88 -10.55 31.70
C ALA B 37 14.81 -12.03 31.30
N SER B 38 13.79 -12.39 30.50
CA SER B 38 13.60 -13.65 29.76
C SER B 38 13.26 -13.33 28.30
N GLU B 39 14.29 -12.98 27.52
CA GLU B 39 14.20 -12.44 26.14
C GLU B 39 14.72 -13.46 25.11
N THR B 40 15.60 -14.40 25.53
CA THR B 40 15.97 -15.59 24.73
C THR B 40 14.76 -16.50 24.63
N LEU B 41 14.51 -17.07 23.44
CA LEU B 41 13.26 -17.83 23.15
C LEU B 41 13.57 -19.32 23.00
N GLN B 42 12.63 -20.13 23.51
CA GLN B 42 12.73 -21.61 23.63
C GLN B 42 11.38 -22.21 23.21
N SER B 43 11.40 -23.38 22.58
CA SER B 43 10.19 -24.18 22.25
C SER B 43 10.58 -25.63 22.07
N PRO B 44 9.62 -26.56 22.30
CA PRO B 44 9.64 -27.87 21.63
C PRO B 44 9.90 -27.75 20.12
N GLY B 45 10.76 -28.62 19.58
CA GLY B 45 11.13 -28.60 18.16
C GLY B 45 12.21 -27.58 17.84
N TYR B 46 12.58 -26.70 18.77
CA TYR B 46 13.64 -25.67 18.58
C TYR B 46 14.94 -26.08 19.27
N ASP B 47 16.01 -26.31 18.49
CA ASP B 47 17.42 -26.52 18.96
C ASP B 47 18.29 -25.38 18.44
N PRO B 48 18.78 -24.48 19.33
CA PRO B 48 19.57 -23.31 18.92
C PRO B 48 20.73 -23.62 17.98
N SER B 49 21.38 -24.76 18.21
CA SER B 49 22.58 -25.23 17.47
C SER B 49 22.22 -25.68 16.05
N ARG B 50 20.93 -25.85 15.73
CA ARG B 50 20.47 -26.11 14.33
C ARG B 50 20.44 -24.79 13.57
N PRO B 51 20.80 -24.77 12.26
CA PRO B 51 20.93 -23.52 11.50
C PRO B 51 19.59 -22.89 11.12
N GLU B 52 18.51 -23.67 11.11
CA GLU B 52 17.12 -23.20 10.84
C GLU B 52 16.78 -22.08 11.83
N SER B 53 15.92 -21.15 11.41
CA SER B 53 15.38 -20.08 12.29
C SER B 53 14.40 -20.70 13.27
N PHE B 54 14.14 -20.01 14.37
CA PHE B 54 13.12 -20.36 15.39
C PHE B 54 11.78 -20.62 14.71
N PHE B 55 11.39 -19.72 13.81
CA PHE B 55 10.08 -19.78 13.12
C PHE B 55 10.00 -21.05 12.28
N GLN B 56 11.08 -21.38 11.59
CA GLN B 56 11.17 -22.59 10.72
C GLN B 56 11.09 -23.85 11.59
N GLN B 57 11.79 -23.83 12.73
CA GLN B 57 11.95 -24.98 13.65
C GLN B 57 10.67 -25.18 14.47
N SER B 58 10.02 -24.09 14.89
CA SER B 58 9.08 -24.06 16.04
C SER B 58 7.62 -24.17 15.59
N PHE B 59 7.34 -23.96 14.31
CA PHE B 59 5.95 -23.90 13.78
C PHE B 59 5.83 -24.85 12.60
N GLN B 60 4.65 -25.45 12.42
CA GLN B 60 4.26 -26.12 11.16
C GLN B 60 3.43 -25.12 10.37
N ARG B 61 3.91 -24.73 9.20
CA ARG B 61 3.16 -23.82 8.29
C ARG B 61 2.10 -24.66 7.57
N LEU B 62 0.83 -24.33 7.81
CA LEU B 62 -0.32 -25.07 7.23
C LEU B 62 -0.86 -24.35 6.01
N SER B 63 -0.70 -23.02 5.91
CA SER B 63 -1.15 -22.20 4.76
C SER B 63 -0.58 -20.79 4.85
N ARG B 64 -0.72 -20.02 3.76
CA ARG B 64 -0.35 -18.59 3.69
C ARG B 64 -1.65 -17.77 3.55
N LEU B 65 -1.92 -16.88 4.50
CA LEU B 65 -3.20 -16.16 4.65
C LEU B 65 -3.12 -14.78 4.03
N GLY B 66 -1.90 -14.35 3.70
CA GLY B 66 -1.62 -13.03 3.14
C GLY B 66 -0.18 -12.91 2.72
N HIS B 67 0.07 -12.01 1.75
CA HIS B 67 1.41 -11.61 1.26
C HIS B 67 1.29 -10.22 0.65
N GLY B 68 2.23 -9.31 0.97
CA GLY B 68 2.34 -7.97 0.37
C GLY B 68 3.68 -7.33 0.69
N SER B 69 3.71 -5.98 0.73
CA SER B 69 4.89 -5.14 1.04
C SER B 69 5.49 -5.50 2.40
N TYR B 70 4.61 -5.72 3.38
CA TYR B 70 4.93 -5.98 4.82
C TYR B 70 5.73 -7.27 4.98
N GLY B 71 5.51 -8.22 4.07
CA GLY B 71 6.07 -9.59 4.08
C GLY B 71 4.98 -10.61 3.87
N GLU B 72 4.75 -11.49 4.87
CA GLU B 72 3.84 -12.66 4.74
C GLU B 72 3.16 -12.99 6.07
N VAL B 73 1.94 -13.51 5.98
CA VAL B 73 1.16 -14.11 7.11
C VAL B 73 0.88 -15.57 6.79
N PHE B 74 1.19 -16.47 7.73
CA PHE B 74 0.99 -17.94 7.62
C PHE B 74 0.03 -18.41 8.72
N LYS B 75 -0.87 -19.34 8.38
CA LYS B 75 -1.55 -20.25 9.35
C LYS B 75 -0.53 -21.29 9.79
N VAL B 76 -0.33 -21.43 11.09
CA VAL B 76 0.76 -22.27 11.64
C VAL B 76 0.20 -23.07 12.84
N ARG B 77 0.72 -24.29 13.03
CA ARG B 77 0.55 -25.07 14.28
C ARG B 77 1.77 -24.83 15.15
N SER B 78 1.54 -24.39 16.39
CA SER B 78 2.56 -24.38 17.47
C SER B 78 2.97 -25.82 17.78
N LYS B 79 4.25 -26.13 17.71
CA LYS B 79 4.79 -27.45 18.11
C LYS B 79 4.83 -27.53 19.63
N GLU B 80 4.94 -26.37 20.28
CA GLU B 80 4.90 -26.24 21.76
C GLU B 80 3.53 -26.73 22.24
N ASP B 81 2.47 -26.00 21.88
CA ASP B 81 1.13 -26.20 22.49
C ASP B 81 0.15 -26.75 21.47
N GLY B 82 0.63 -27.06 20.24
CA GLY B 82 -0.16 -27.67 19.16
C GLY B 82 -1.33 -26.80 18.70
N ARG B 83 -1.53 -25.61 19.25
CA ARG B 83 -2.66 -24.72 18.88
C ARG B 83 -2.31 -24.00 17.57
N LEU B 84 -3.36 -23.56 16.88
CA LEU B 84 -3.29 -22.82 15.59
C LEU B 84 -3.17 -21.32 15.86
N TYR B 85 -2.32 -20.65 15.11
CA TYR B 85 -2.08 -19.19 15.22
C TYR B 85 -1.91 -18.59 13.83
N ALA B 86 -1.91 -17.27 13.77
CA ALA B 86 -1.40 -16.49 12.63
C ALA B 86 -0.05 -15.88 13.03
N VAL B 87 0.99 -16.08 12.21
CA VAL B 87 2.33 -15.46 12.39
C VAL B 87 2.64 -14.60 11.16
N LYS B 88 2.71 -13.27 11.33
CA LYS B 88 3.14 -12.29 10.30
C LYS B 88 4.67 -12.15 10.37
N ARG B 89 5.38 -12.55 9.31
CA ARG B 89 6.85 -12.43 9.18
C ARG B 89 7.19 -11.32 8.19
N SER B 90 8.07 -10.39 8.58
CA SER B 90 8.49 -9.21 7.78
C SER B 90 9.46 -9.64 6.68
N MET B 91 9.31 -9.06 5.49
CA MET B 91 9.96 -9.51 4.24
C MET B 91 11.48 -9.47 4.39
N SER B 92 12.01 -8.27 4.60
CA SER B 92 13.46 -7.97 4.74
C SER B 92 13.79 -7.84 6.22
N PRO B 93 15.10 -7.73 6.58
CA PRO B 93 15.49 -7.25 7.90
C PRO B 93 15.02 -5.81 8.08
N PHE B 94 15.27 -5.21 9.23
CA PHE B 94 14.98 -3.77 9.47
C PHE B 94 15.80 -3.00 8.43
N ARG B 95 15.12 -2.19 7.64
CA ARG B 95 15.74 -1.48 6.49
C ARG B 95 16.38 -0.20 7.03
N GLY B 96 16.01 0.23 8.24
CA GLY B 96 16.54 1.45 8.87
C GLY B 96 15.81 1.82 10.15
N PRO B 97 16.23 2.94 10.80
CA PRO B 97 15.66 3.36 12.08
C PRO B 97 14.14 3.60 12.03
N LYS B 98 13.67 4.33 11.01
CA LYS B 98 12.22 4.57 10.75
C LYS B 98 11.54 3.21 10.62
N ASP B 99 12.05 2.35 9.74
CA ASP B 99 11.49 1.01 9.47
C ASP B 99 11.40 0.24 10.80
N ARG B 100 12.50 0.20 11.57
CA ARG B 100 12.53 -0.55 12.86
C ARG B 100 11.45 0.02 13.79
N ALA B 101 11.39 1.35 13.93
CA ALA B 101 10.45 2.08 14.79
C ALA B 101 9.01 1.75 14.37
N ARG B 102 8.73 1.87 13.08
CA ARG B 102 7.37 1.63 12.50
C ARG B 102 6.93 0.22 12.87
N LYS B 103 7.81 -0.76 12.65
CA LYS B 103 7.51 -2.19 12.89
C LYS B 103 7.26 -2.41 14.39
N LEU B 104 8.15 -1.89 15.26
CA LEU B 104 8.07 -2.06 16.74
C LEU B 104 6.85 -1.34 17.32
N ALA B 105 6.45 -0.21 16.74
CA ALA B 105 5.30 0.59 17.21
C ALA B 105 4.03 -0.25 17.17
N GLU B 106 3.90 -1.18 16.20
CA GLU B 106 2.71 -2.06 16.06
C GLU B 106 2.60 -2.99 17.28
N VAL B 107 3.71 -3.60 17.67
CA VAL B 107 3.80 -4.44 18.90
C VAL B 107 3.37 -3.59 20.10
N GLY B 108 4.03 -2.44 20.30
CA GLY B 108 3.75 -1.48 21.37
C GLY B 108 2.28 -1.15 21.44
N SER B 109 1.66 -0.86 20.30
CA SER B 109 0.22 -0.56 20.18
C SER B 109 -0.59 -1.81 20.53
N HIS B 110 -0.36 -2.89 19.79
CA HIS B 110 -1.08 -4.19 19.98
C HIS B 110 -1.09 -4.52 21.48
N GLU B 111 0.01 -4.27 22.19
CA GLU B 111 0.16 -4.54 23.65
C GLU B 111 -0.72 -3.55 24.44
N LYS B 112 -0.74 -2.27 24.09
CA LYS B 112 -1.49 -1.22 24.83
C LYS B 112 -2.99 -1.54 24.80
N VAL B 113 -3.45 -2.18 23.72
CA VAL B 113 -4.88 -2.58 23.52
C VAL B 113 -5.30 -3.53 24.65
N GLY B 114 -4.46 -4.53 24.93
CA GLY B 114 -4.76 -5.61 25.87
C GLY B 114 -5.62 -6.68 25.24
N GLN B 115 -6.08 -7.66 26.03
CA GLN B 115 -7.05 -8.68 25.58
C GLN B 115 -8.43 -8.04 25.59
N HIS B 116 -9.18 -8.25 24.50
CA HIS B 116 -10.63 -7.99 24.40
C HIS B 116 -11.17 -9.01 23.41
N PRO B 117 -12.34 -9.64 23.65
CA PRO B 117 -12.84 -10.66 22.73
C PRO B 117 -13.04 -10.16 21.28
N CYS B 118 -13.13 -8.84 21.08
CA CYS B 118 -13.43 -8.19 19.76
C CYS B 118 -12.16 -7.53 19.20
N CYS B 119 -11.00 -7.76 19.82
CA CYS B 119 -9.68 -7.24 19.39
C CYS B 119 -8.73 -8.40 19.14
N VAL B 120 -8.08 -8.43 17.98
CA VAL B 120 -7.11 -9.51 17.63
C VAL B 120 -6.09 -9.59 18.76
N ARG B 121 -5.96 -10.78 19.35
CA ARG B 121 -5.00 -11.06 20.45
C ARG B 121 -3.63 -11.31 19.83
N LEU B 122 -2.58 -10.70 20.39
CA LEU B 122 -1.17 -11.02 20.11
C LEU B 122 -0.69 -12.02 21.18
N GLU B 123 -0.21 -13.22 20.81
CA GLU B 123 0.41 -14.18 21.77
C GLU B 123 1.82 -13.66 22.10
N GLN B 124 2.62 -13.39 21.08
CA GLN B 124 3.99 -12.86 21.28
C GLN B 124 4.56 -12.30 19.97
N ALA B 125 5.57 -11.46 20.10
CA ALA B 125 6.39 -10.92 19.00
C ALA B 125 7.87 -11.18 19.32
N TRP B 126 8.68 -11.39 18.29
CA TRP B 126 10.14 -11.60 18.43
C TRP B 126 10.82 -11.15 17.13
N GLU B 127 12.13 -10.95 17.21
CA GLU B 127 12.96 -10.65 16.03
C GLU B 127 14.08 -11.68 15.94
N GLU B 128 14.64 -11.85 14.75
CA GLU B 128 15.78 -12.76 14.46
C GLU B 128 16.45 -12.30 13.17
N GLY B 129 17.71 -11.84 13.26
CA GLY B 129 18.45 -11.30 12.12
C GLY B 129 17.68 -10.18 11.45
N GLY B 130 16.98 -9.36 12.25
CA GLY B 130 16.30 -8.12 11.80
C GLY B 130 14.89 -8.37 11.32
N ILE B 131 14.42 -9.61 11.42
CA ILE B 131 13.07 -10.02 10.92
C ILE B 131 12.09 -10.02 12.09
N LEU B 132 11.06 -9.17 12.02
CA LEU B 132 9.98 -9.11 13.03
C LEU B 132 8.92 -10.17 12.71
N TYR B 133 8.55 -10.98 13.72
CA TYR B 133 7.42 -11.93 13.68
C TYR B 133 6.37 -11.52 14.71
N LEU B 134 5.11 -11.40 14.30
CA LEU B 134 3.95 -11.23 15.20
C LEU B 134 3.10 -12.50 15.14
N GLN B 135 2.97 -13.19 16.26
CA GLN B 135 2.07 -14.35 16.45
C GLN B 135 0.78 -13.88 17.13
N THR B 136 -0.35 -13.97 16.43
CA THR B 136 -1.69 -13.66 16.98
C THR B 136 -2.56 -14.91 16.98
N GLU B 137 -3.65 -14.87 17.70
CA GLU B 137 -4.74 -15.84 17.48
C GLU B 137 -4.96 -15.96 15.98
N LEU B 138 -5.34 -17.14 15.51
CA LEU B 138 -5.73 -17.35 14.09
C LEU B 138 -7.13 -16.78 13.91
N CYS B 139 -7.28 -15.76 13.08
CA CYS B 139 -8.59 -15.19 12.67
C CYS B 139 -8.99 -15.71 11.29
N GLY B 140 -10.29 -15.78 11.00
CA GLY B 140 -10.85 -16.00 9.67
C GLY B 140 -10.48 -14.86 8.71
N PRO B 141 -11.22 -14.70 7.59
CA PRO B 141 -10.90 -13.65 6.63
C PRO B 141 -11.42 -12.28 7.11
N SER B 142 -10.83 -11.20 6.58
CA SER B 142 -11.26 -9.79 6.80
C SER B 142 -12.71 -9.63 6.34
N LEU B 143 -13.40 -8.62 6.87
CA LEU B 143 -14.77 -8.24 6.43
C LEU B 143 -14.76 -7.99 4.93
N GLN B 144 -13.73 -7.30 4.43
CA GLN B 144 -13.59 -6.96 2.99
C GLN B 144 -13.78 -8.26 2.19
N GLN B 145 -12.95 -9.25 2.48
CA GLN B 145 -12.97 -10.59 1.83
C GLN B 145 -14.36 -11.19 2.02
N HIS B 146 -14.78 -11.36 3.27
CA HIS B 146 -16.04 -12.03 3.66
C HIS B 146 -17.22 -11.43 2.90
N CYS B 147 -17.27 -10.11 2.74
CA CYS B 147 -18.44 -9.37 2.19
C CYS B 147 -18.32 -9.29 0.67
N GLU B 148 -17.10 -9.06 0.17
CA GLU B 148 -16.75 -9.32 -1.25
C GLU B 148 -17.38 -10.65 -1.66
N ALA B 149 -17.15 -11.70 -0.87
CA ALA B 149 -17.51 -13.11 -1.18
C ALA B 149 -19.04 -13.31 -1.12
N TRP B 150 -19.72 -12.59 -0.24
CA TRP B 150 -21.19 -12.39 -0.27
C TRP B 150 -21.49 -11.43 -1.43
N GLY B 151 -22.73 -11.41 -1.92
CA GLY B 151 -23.18 -10.33 -2.83
C GLY B 151 -23.73 -9.17 -2.02
N ALA B 152 -24.81 -8.56 -2.51
CA ALA B 152 -25.75 -7.73 -1.73
C ALA B 152 -26.78 -8.65 -1.07
N SER B 153 -26.56 -9.97 -1.19
CA SER B 153 -27.29 -11.04 -0.45
C SER B 153 -26.79 -11.12 1.00
N LEU B 154 -25.75 -10.37 1.36
CA LEU B 154 -25.26 -10.20 2.75
C LEU B 154 -26.45 -9.99 3.68
N PRO B 155 -26.72 -10.91 4.64
CA PRO B 155 -27.80 -10.71 5.60
C PRO B 155 -27.57 -9.45 6.43
N GLU B 156 -28.49 -8.48 6.37
CA GLU B 156 -28.40 -7.23 7.18
C GLU B 156 -28.19 -7.62 8.64
N ALA B 157 -28.69 -8.80 9.07
CA ALA B 157 -28.51 -9.37 10.43
C ALA B 157 -27.02 -9.42 10.78
N GLN B 158 -26.22 -10.11 9.95
CA GLN B 158 -24.75 -10.24 10.12
C GLN B 158 -24.12 -8.88 10.39
N VAL B 159 -24.53 -7.88 9.60
CA VAL B 159 -24.01 -6.48 9.66
C VAL B 159 -24.10 -5.98 11.11
N TRP B 160 -25.31 -5.94 11.65
CA TRP B 160 -25.57 -5.48 13.04
C TRP B 160 -24.55 -6.16 13.95
N GLY B 161 -24.39 -7.48 13.82
CA GLY B 161 -23.37 -8.25 14.55
C GLY B 161 -22.03 -7.57 14.43
N TYR B 162 -21.57 -7.40 13.19
CA TYR B 162 -20.26 -6.77 12.87
C TYR B 162 -20.24 -5.38 13.50
N LEU B 163 -21.29 -4.61 13.27
CA LEU B 163 -21.44 -3.24 13.84
C LEU B 163 -21.19 -3.26 15.36
N ARG B 164 -22.04 -3.98 16.07
CA ARG B 164 -22.00 -4.13 17.55
C ARG B 164 -20.60 -4.59 17.96
N ASP B 165 -20.07 -5.61 17.27
CA ASP B 165 -18.82 -6.32 17.65
C ASP B 165 -17.67 -5.33 17.54
N THR B 166 -17.67 -4.51 16.49
CA THR B 166 -16.59 -3.50 16.25
C THR B 166 -16.76 -2.32 17.21
N LEU B 167 -17.99 -1.86 17.40
CA LEU B 167 -18.35 -0.81 18.39
C LEU B 167 -17.76 -1.18 19.77
N LEU B 168 -17.95 -2.44 20.18
CA LEU B 168 -17.44 -2.93 21.48
C LEU B 168 -15.92 -2.73 21.49
N ALA B 169 -15.25 -3.12 20.40
CA ALA B 169 -13.79 -3.01 20.24
C ALA B 169 -13.39 -1.55 20.45
N LEU B 170 -14.12 -0.63 19.82
CA LEU B 170 -13.85 0.83 19.90
C LEU B 170 -14.07 1.35 21.32
N ALA B 171 -15.22 1.05 21.90
CA ALA B 171 -15.57 1.43 23.28
C ALA B 171 -14.41 1.04 24.20
N HIS B 172 -13.84 -0.15 23.98
CA HIS B 172 -12.67 -0.71 24.71
C HIS B 172 -11.43 0.15 24.45
N LEU B 173 -11.13 0.45 23.19
CA LEU B 173 -9.98 1.31 22.80
C LEU B 173 -10.17 2.73 23.34
N HIS B 174 -11.35 3.30 23.10
CA HIS B 174 -11.65 4.71 23.39
C HIS B 174 -11.66 4.94 24.90
N SER B 175 -12.26 4.01 25.65
CA SER B 175 -12.24 4.03 27.13
C SER B 175 -10.79 4.18 27.61
N GLN B 176 -9.86 3.47 26.98
CA GLN B 176 -8.41 3.47 27.32
C GLN B 176 -7.66 4.64 26.68
N GLY B 177 -8.35 5.63 26.12
CA GLY B 177 -7.74 6.82 25.49
C GLY B 177 -6.88 6.47 24.27
N LEU B 178 -7.22 5.38 23.58
CA LEU B 178 -6.54 4.91 22.34
C LEU B 178 -7.41 5.24 21.12
N VAL B 179 -6.79 5.63 20.02
CA VAL B 179 -7.45 5.84 18.69
C VAL B 179 -6.73 4.97 17.67
N HIS B 180 -7.48 4.26 16.84
CA HIS B 180 -6.97 3.23 15.89
C HIS B 180 -6.44 3.90 14.64
N LEU B 181 -7.28 4.75 14.03
CA LEU B 181 -7.00 5.60 12.85
C LEU B 181 -6.78 4.74 11.61
N ASP B 182 -7.18 3.47 11.62
CA ASP B 182 -7.13 2.61 10.41
C ASP B 182 -8.29 1.60 10.45
N VAL B 183 -9.48 2.08 10.79
CA VAL B 183 -10.72 1.27 10.87
C VAL B 183 -11.31 1.10 9.46
N LYS B 184 -11.37 -0.13 8.99
CA LYS B 184 -11.77 -0.46 7.60
C LYS B 184 -11.96 -1.97 7.46
N PRO B 185 -12.75 -2.42 6.48
CA PRO B 185 -13.08 -3.85 6.37
C PRO B 185 -11.82 -4.72 6.20
N ALA B 186 -10.73 -4.14 5.70
CA ALA B 186 -9.44 -4.82 5.50
C ALA B 186 -8.84 -5.22 6.85
N ASN B 187 -8.97 -4.35 7.85
CA ASN B 187 -8.36 -4.47 9.20
C ASN B 187 -9.41 -4.96 10.20
N ILE B 188 -10.36 -5.79 9.79
CA ILE B 188 -11.41 -6.38 10.67
C ILE B 188 -11.61 -7.83 10.23
N PHE B 189 -11.27 -8.79 11.10
CA PHE B 189 -11.19 -10.23 10.77
C PHE B 189 -12.21 -11.00 11.60
N LEU B 190 -12.69 -12.12 11.06
CA LEU B 190 -13.73 -12.94 11.71
C LEU B 190 -13.04 -13.96 12.62
N GLY B 191 -13.57 -14.12 13.83
CA GLY B 191 -12.91 -14.81 14.95
C GLY B 191 -13.47 -16.21 15.15
N PRO B 192 -13.79 -16.58 16.42
CA PRO B 192 -13.95 -17.98 16.78
C PRO B 192 -15.19 -18.49 16.05
N ARG B 193 -16.35 -18.01 16.51
CA ARG B 193 -17.66 -18.15 15.81
C ARG B 193 -18.25 -16.76 15.66
N GLY B 194 -18.15 -16.18 14.47
CA GLY B 194 -18.93 -15.00 14.03
C GLY B 194 -18.40 -13.71 14.60
N ARG B 195 -17.90 -13.73 15.84
CA ARG B 195 -17.32 -12.55 16.54
C ARG B 195 -16.22 -11.98 15.64
N CYS B 196 -16.40 -10.76 15.14
CA CYS B 196 -15.37 -10.10 14.30
C CYS B 196 -14.46 -9.25 15.19
N LYS B 197 -13.18 -9.32 14.87
CA LYS B 197 -12.04 -8.84 15.68
C LYS B 197 -11.41 -7.66 14.95
N LEU B 198 -11.02 -6.62 15.67
CA LEU B 198 -10.32 -5.43 15.12
C LEU B 198 -8.81 -5.67 15.17
N GLY B 199 -8.11 -5.48 14.05
CA GLY B 199 -6.70 -5.85 13.89
C GLY B 199 -5.91 -4.71 13.29
N ASP B 200 -4.66 -5.00 12.92
CA ASP B 200 -3.69 -4.05 12.31
C ASP B 200 -3.65 -2.75 13.13
N PHE B 201 -3.05 -2.82 14.32
CA PHE B 201 -2.84 -1.68 15.24
C PHE B 201 -1.57 -0.91 14.85
N GLY B 202 -1.19 -0.95 13.57
CA GLY B 202 -0.03 -0.21 13.06
C GLY B 202 -0.15 1.28 13.28
N LEU B 203 -1.35 1.85 13.11
CA LEU B 203 -1.56 3.32 13.11
C LEU B 203 -2.18 3.77 14.43
N LEU B 204 -2.58 2.83 15.28
CA LEU B 204 -3.17 3.14 16.60
C LEU B 204 -2.26 4.13 17.32
N VAL B 205 -2.83 5.16 17.97
CA VAL B 205 -2.05 6.12 18.83
C VAL B 205 -2.73 6.25 20.18
N GLU B 206 -1.93 6.56 21.20
CA GLU B 206 -2.38 6.90 22.56
C GLU B 206 -2.53 8.41 22.59
N LEU B 207 -3.78 8.87 22.61
CA LEU B 207 -4.12 10.32 22.69
C LEU B 207 -3.45 10.90 23.93
N GLY B 208 -2.72 12.00 23.74
CA GLY B 208 -2.00 12.70 24.82
C GLY B 208 -0.52 12.39 24.73
N THR B 209 -0.16 11.22 24.20
CA THR B 209 1.26 10.85 23.99
C THR B 209 1.77 11.61 22.77
N ALA B 210 1.34 11.21 21.58
CA ALA B 210 1.76 11.80 20.30
C ALA B 210 1.34 13.28 20.23
N GLY B 211 0.04 13.53 20.34
CA GLY B 211 -0.59 14.83 20.08
C GLY B 211 -1.42 14.75 18.81
N ALA B 212 -2.59 15.39 18.79
CA ALA B 212 -3.50 15.43 17.62
C ALA B 212 -2.81 16.25 16.53
N GLY B 213 -2.15 15.59 15.57
CA GLY B 213 -1.47 16.22 14.42
C GLY B 213 -1.67 15.43 13.14
N GLU B 214 -1.12 15.92 12.01
CA GLU B 214 -1.29 15.32 10.66
C GLU B 214 -0.99 13.81 10.71
N VAL B 215 -1.93 12.98 10.23
CA VAL B 215 -1.75 11.50 10.10
C VAL B 215 -1.24 11.20 8.69
N GLN B 216 0.05 10.92 8.57
CA GLN B 216 0.75 10.84 7.27
C GLN B 216 0.28 9.57 6.57
N GLU B 217 0.51 8.42 7.20
CA GLU B 217 0.34 7.09 6.56
C GLU B 217 -1.07 6.56 6.81
N GLY B 218 -2.08 7.44 6.84
CA GLY B 218 -3.50 7.06 6.97
C GLY B 218 -4.11 6.67 5.65
N ASP B 219 -5.29 6.06 5.68
CA ASP B 219 -6.13 5.73 4.49
C ASP B 219 -7.20 6.80 4.28
N PRO B 220 -7.12 7.61 3.20
CA PRO B 220 -8.13 8.63 2.90
C PRO B 220 -9.51 8.07 2.55
N ARG B 221 -9.59 6.80 2.19
CA ARG B 221 -10.86 6.19 1.73
C ARG B 221 -11.84 6.12 2.91
N TYR B 222 -11.32 6.00 4.14
CA TYR B 222 -12.14 5.82 5.39
C TYR B 222 -11.95 6.99 6.36
N MET B 223 -11.14 7.98 5.99
CA MET B 223 -10.70 9.07 6.89
C MET B 223 -11.88 9.96 7.31
N ALA B 224 -11.90 10.41 8.56
CA ALA B 224 -12.89 11.37 9.07
C ALA B 224 -12.50 12.76 8.59
N PRO B 225 -13.49 13.66 8.40
CA PRO B 225 -13.20 15.00 7.87
C PRO B 225 -12.23 15.78 8.75
N GLU B 226 -12.40 15.70 10.08
CA GLU B 226 -11.66 16.55 11.05
C GLU B 226 -10.15 16.33 10.87
N LEU B 227 -9.71 15.23 10.26
CA LEU B 227 -8.28 14.93 10.04
C LEU B 227 -7.65 15.89 9.02
N LEU B 228 -8.44 16.44 8.11
CA LEU B 228 -7.97 17.40 7.06
C LEU B 228 -7.56 18.73 7.72
N GLN B 229 -8.08 19.01 8.92
CA GLN B 229 -7.80 20.22 9.75
C GLN B 229 -6.77 19.88 10.84
N GLY B 230 -6.10 18.73 10.76
CA GLY B 230 -4.93 18.40 11.60
C GLY B 230 -5.27 17.69 12.90
N SER B 231 -6.33 18.11 13.62
CA SER B 231 -6.70 17.64 14.98
C SER B 231 -7.78 16.55 14.92
N TYR B 232 -7.85 15.67 15.92
CA TYR B 232 -8.77 14.52 15.96
C TYR B 232 -8.98 14.03 17.40
N GLY B 233 -9.93 13.11 17.55
CA GLY B 233 -10.18 12.32 18.78
C GLY B 233 -10.69 10.92 18.45
N THR B 234 -11.17 10.18 19.44
CA THR B 234 -11.73 8.81 19.29
C THR B 234 -12.78 8.80 18.18
N ALA B 235 -13.64 9.83 18.16
CA ALA B 235 -14.73 10.08 17.19
C ALA B 235 -14.27 9.73 15.78
N ALA B 236 -13.02 10.02 15.45
CA ALA B 236 -12.40 9.68 14.15
C ALA B 236 -12.75 8.24 13.77
N ASP B 237 -12.53 7.30 14.71
CA ASP B 237 -12.71 5.85 14.48
C ASP B 237 -14.19 5.59 14.17
N VAL B 238 -15.09 6.30 14.84
CA VAL B 238 -16.56 6.07 14.71
C VAL B 238 -16.99 6.37 13.27
N PHE B 239 -16.53 7.48 12.71
CA PHE B 239 -16.75 7.80 11.28
C PHE B 239 -16.25 6.62 10.44
N SER B 240 -14.96 6.32 10.55
CA SER B 240 -14.27 5.24 9.81
C SER B 240 -15.12 3.97 9.86
N LEU B 241 -15.61 3.61 11.05
CA LEU B 241 -16.53 2.45 11.20
C LEU B 241 -17.87 2.73 10.49
N GLY B 242 -18.42 3.95 10.63
CA GLY B 242 -19.55 4.39 9.80
C GLY B 242 -19.34 3.93 8.36
N LEU B 243 -18.27 4.40 7.73
CA LEU B 243 -17.94 4.08 6.32
C LEU B 243 -17.67 2.58 6.14
N THR B 244 -16.89 1.99 7.04
CA THR B 244 -16.59 0.56 6.98
C THR B 244 -17.92 -0.18 6.79
N ILE B 245 -18.90 0.11 7.64
CA ILE B 245 -20.19 -0.64 7.67
C ILE B 245 -20.99 -0.28 6.42
N LEU B 246 -21.02 1.00 6.09
CA LEU B 246 -21.73 1.50 4.87
C LEU B 246 -21.26 0.68 3.67
N GLU B 247 -19.95 0.60 3.46
CA GLU B 247 -19.29 -0.09 2.33
C GLU B 247 -19.81 -1.52 2.20
N VAL B 248 -19.72 -2.30 3.28
CA VAL B 248 -20.04 -3.76 3.27
C VAL B 248 -21.56 -3.92 3.21
N ALA B 249 -22.30 -3.00 3.85
CA ALA B 249 -23.78 -3.00 3.89
C ALA B 249 -24.33 -2.82 2.48
N CYS B 250 -23.64 -2.03 1.65
CA CYS B 250 -24.07 -1.65 0.27
C CYS B 250 -23.52 -2.63 -0.77
N ASN B 251 -22.41 -3.31 -0.46
CA ASN B 251 -21.62 -4.10 -1.46
C ASN B 251 -21.07 -3.11 -2.50
N MET B 252 -21.02 -1.83 -2.12
CA MET B 252 -20.54 -0.71 -2.96
C MET B 252 -19.11 -0.37 -2.54
N GLU B 253 -18.21 -0.20 -3.51
CA GLU B 253 -16.89 0.44 -3.28
C GLU B 253 -17.13 1.93 -2.96
N LEU B 254 -16.41 2.47 -1.97
CA LEU B 254 -16.53 3.89 -1.56
C LEU B 254 -15.83 4.80 -2.55
N PRO B 255 -16.27 6.06 -2.69
CA PRO B 255 -15.64 7.00 -3.63
C PRO B 255 -14.15 7.22 -3.35
N HIS B 256 -13.33 7.14 -4.40
CA HIS B 256 -11.85 7.30 -4.32
C HIS B 256 -11.43 8.74 -4.62
N GLY B 257 -12.38 9.68 -4.66
CA GLY B 257 -12.12 11.12 -4.75
C GLY B 257 -13.25 11.87 -5.41
N GLY B 258 -12.96 13.08 -5.89
CA GLY B 258 -13.93 13.99 -6.54
C GLY B 258 -15.08 14.36 -5.61
N GLU B 259 -16.20 14.73 -6.20
CA GLU B 259 -17.43 15.20 -5.52
C GLU B 259 -17.86 14.12 -4.53
N GLY B 260 -18.07 12.89 -5.04
CA GLY B 260 -18.57 11.76 -4.25
C GLY B 260 -17.87 11.68 -2.91
N TRP B 261 -16.57 11.86 -2.91
CA TRP B 261 -15.73 11.63 -1.70
C TRP B 261 -16.00 12.72 -0.65
N GLN B 262 -16.09 13.98 -1.06
CA GLN B 262 -16.32 15.16 -0.17
C GLN B 262 -17.72 15.13 0.45
N GLN B 263 -18.74 14.68 -0.28
CA GLN B 263 -20.16 14.59 0.16
C GLN B 263 -20.27 13.79 1.47
N LEU B 264 -19.55 12.69 1.61
CA LEU B 264 -19.65 11.81 2.79
C LEU B 264 -19.08 12.54 4.00
N ARG B 265 -18.12 13.42 3.79
CA ARG B 265 -17.41 14.13 4.88
C ARG B 265 -18.10 15.48 5.14
N GLN B 266 -19.16 15.77 4.38
CA GLN B 266 -20.10 16.90 4.60
C GLN B 266 -21.48 16.32 4.95
N GLY B 267 -21.50 15.06 5.41
CA GLY B 267 -22.70 14.38 5.91
C GLY B 267 -23.85 14.41 4.90
N TYR B 268 -23.56 14.18 3.63
CA TYR B 268 -24.62 13.82 2.65
C TYR B 268 -24.52 12.34 2.32
N LEU B 269 -25.65 11.64 2.45
CA LEU B 269 -25.83 10.21 2.10
C LEU B 269 -26.40 10.11 0.68
N PRO B 270 -25.52 9.87 -0.32
CA PRO B 270 -25.97 9.80 -1.71
C PRO B 270 -26.92 8.61 -1.86
N PRO B 271 -28.20 8.85 -2.18
CA PRO B 271 -29.22 7.80 -2.24
C PRO B 271 -28.77 6.41 -2.78
N GLU B 272 -27.80 6.39 -3.70
CA GLU B 272 -27.21 5.15 -4.30
C GLU B 272 -26.73 4.18 -3.21
N PHE B 273 -26.38 4.69 -2.03
CA PHE B 273 -25.91 3.87 -0.87
C PHE B 273 -27.05 3.68 0.14
N THR B 274 -27.65 4.79 0.61
CA THR B 274 -28.60 4.84 1.74
C THR B 274 -29.77 3.88 1.50
N ALA B 275 -30.19 3.71 0.24
CA ALA B 275 -31.29 2.80 -0.16
C ALA B 275 -30.84 1.33 -0.05
N GLY B 276 -31.78 0.42 0.23
CA GLY B 276 -31.53 -1.02 0.42
C GLY B 276 -31.27 -1.38 1.87
N LEU B 277 -31.18 -0.37 2.75
CA LEU B 277 -30.84 -0.52 4.18
C LEU B 277 -32.00 -0.03 5.05
N SER B 278 -32.48 -0.91 5.94
CA SER B 278 -33.58 -0.63 6.90
C SER B 278 -33.38 0.78 7.45
N SER B 279 -34.46 1.58 7.47
CA SER B 279 -34.52 2.91 8.13
C SER B 279 -33.71 2.85 9.43
N GLU B 280 -33.94 1.79 10.21
CA GLU B 280 -33.26 1.50 11.51
C GLU B 280 -31.74 1.55 11.31
N LEU B 281 -31.21 0.83 10.31
CA LEU B 281 -29.75 0.75 10.05
C LEU B 281 -29.29 2.07 9.44
N ARG B 282 -29.92 2.47 8.35
CA ARG B 282 -29.76 3.80 7.70
C ARG B 282 -29.58 4.86 8.80
N SER B 283 -30.55 4.95 9.72
CA SER B 283 -30.66 5.96 10.81
C SER B 283 -29.36 6.05 11.62
N VAL B 284 -28.81 4.89 12.00
CA VAL B 284 -27.60 4.79 12.90
C VAL B 284 -26.37 5.33 12.19
N LEU B 285 -26.09 4.86 10.96
CA LEU B 285 -24.90 5.25 10.16
C LEU B 285 -24.80 6.78 10.11
N VAL B 286 -25.93 7.44 9.92
CA VAL B 286 -26.08 8.93 9.99
C VAL B 286 -25.38 9.44 11.26
N MET B 287 -25.72 8.87 12.41
CA MET B 287 -25.18 9.28 13.73
C MET B 287 -23.65 9.11 13.67
N MET B 288 -23.20 8.08 12.97
CA MET B 288 -21.76 7.68 12.94
C MET B 288 -21.02 8.59 11.98
N LEU B 289 -21.71 9.12 10.99
CA LEU B 289 -21.08 9.86 9.89
C LEU B 289 -21.28 11.37 10.07
N GLU B 290 -21.94 11.80 11.15
CA GLU B 290 -22.04 13.25 11.49
C GLU B 290 -20.66 13.85 11.20
N PRO B 291 -20.55 14.85 10.29
CA PRO B 291 -19.25 15.47 9.97
C PRO B 291 -18.52 16.12 11.16
N ASP B 292 -19.30 16.69 12.08
CA ASP B 292 -18.81 17.42 13.28
C ASP B 292 -18.46 16.40 14.36
N PRO B 293 -17.16 16.17 14.63
CA PRO B 293 -16.77 15.20 15.65
C PRO B 293 -17.54 15.46 16.94
N LYS B 294 -17.78 16.75 17.24
CA LYS B 294 -18.36 17.28 18.50
C LYS B 294 -19.82 16.85 18.63
N LEU B 295 -20.50 16.54 17.52
CA LEU B 295 -21.92 16.05 17.51
C LEU B 295 -21.97 14.54 17.22
N ARG B 296 -20.87 13.95 16.77
CA ARG B 296 -20.85 12.52 16.36
C ARG B 296 -20.95 11.64 17.61
N ALA B 297 -21.83 10.64 17.52
CA ALA B 297 -22.06 9.60 18.55
C ALA B 297 -20.74 8.96 18.99
N THR B 298 -20.73 8.38 20.20
CA THR B 298 -19.62 7.54 20.73
C THR B 298 -20.05 6.07 20.65
N ALA B 299 -19.09 5.15 20.69
CA ALA B 299 -19.36 3.69 20.73
C ALA B 299 -20.18 3.42 21.98
N GLU B 300 -19.68 3.89 23.13
CA GLU B 300 -20.35 3.82 24.46
C GLU B 300 -21.83 4.12 24.21
N ALA B 301 -22.13 5.30 23.65
CA ALA B 301 -23.49 5.85 23.45
C ALA B 301 -24.30 4.99 22.48
N LEU B 302 -23.70 4.62 21.35
CA LEU B 302 -24.38 3.81 20.29
C LEU B 302 -24.73 2.44 20.87
N LEU B 303 -23.84 1.85 21.68
CA LEU B 303 -24.03 0.49 22.22
C LEU B 303 -25.15 0.49 23.27
N ALA B 304 -25.63 1.68 23.63
CA ALA B 304 -26.74 1.89 24.58
C ALA B 304 -28.09 1.73 23.86
N LEU B 305 -28.11 1.90 22.54
CA LEU B 305 -29.36 1.85 21.75
C LEU B 305 -29.82 0.41 21.72
N PRO B 306 -31.15 0.16 21.77
CA PRO B 306 -31.68 -1.19 21.94
C PRO B 306 -31.25 -2.14 20.81
N VAL B 307 -31.32 -1.64 19.57
CA VAL B 307 -31.04 -2.42 18.33
C VAL B 307 -29.61 -2.97 18.37
N LEU B 308 -28.76 -2.48 19.28
CA LEU B 308 -27.35 -2.92 19.46
C LEU B 308 -27.09 -3.36 20.91
N ARG B 309 -27.92 -4.25 21.47
CA ARG B 309 -27.68 -4.77 22.84
C ARG B 309 -27.89 -6.29 22.88
N GLN B 310 -26.99 -6.97 23.60
CA GLN B 310 -26.89 -8.46 23.68
C GLN B 310 -26.37 -8.99 22.34
#